data_1IEI
#
_entry.id   1IEI
#
_cell.length_a   40.40
_cell.length_b   47.97
_cell.length_c   47.66
_cell.angle_alpha   76.2
_cell.angle_beta   76.7
_cell.angle_gamma   67.5
#
_symmetry.space_group_name_H-M   'P 1'
#
loop_
_entity.id
_entity.type
_entity.pdbx_description
1 polymer 'ALDOSE REDUCTASE'
2 non-polymer 'NADP NICOTINAMIDE-ADENINE-DINUCLEOTIDE PHOSPHATE'
3 non-polymer '[3-(4-BROMO-2-FLUORO-BENZYL)-7-CHLORO-2,4-DIOXO-3,4-DIHYDRO-2H-QUINAZOLIN-1-YL]-ACETIC ACID'
4 water water
#
_entity_poly.entity_id   1
_entity_poly.type   'polypeptide(L)'
_entity_poly.pdbx_seq_one_letter_code
;MASRLLLNNGAKMPILGLGTWKSPPGQVTEAVKVAIDVGYRHIDCAHVYQNENEVGVAIQEKLREQVVKREELFIVSKLW
CTYHEKGLVKGACQKTLSDLKLDYLDLYLIHWPTGFKPGKEFFPLDESGNVVPSDTNILDTWAAMEELVDEGLVKAIGIS
NFNHLQVEMILNKPGLKYKPAVNQIECHPYLTQEKLIQYCQSKGIVVTAYSPLGSPDRPWAKPEDPSLLEDPRIKAIAAK
HNKTTAQVLIRFPMQRNLVVIPKSVTPERIAENFKVFDFELSSQDMTTLLSYNRNWRVCALLSCTSHKDYPFHEEF
;
_entity_poly.pdbx_strand_id   A
#
loop_
_chem_comp.id
_chem_comp.type
_chem_comp.name
_chem_comp.formula
NAP non-polymer 'NADP NICOTINAMIDE-ADENINE-DINUCLEOTIDE PHOSPHATE' 'C21 H28 N7 O17 P3'
ZES non-polymer '[3-(4-BROMO-2-FLUORO-BENZYL)-7-CHLORO-2,4-DIOXO-3,4-DIHYDRO-2H-QUINAZOLIN-1-YL]-ACETIC ACID' 'C17 H11 Br Cl F N2 O4'
#
# COMPACT_ATOMS: atom_id res chain seq x y z
N ALA A 2 -20.28 -4.22 4.02
CA ALA A 2 -19.32 -5.12 4.71
C ALA A 2 -18.30 -4.35 5.51
N SER A 3 -17.30 -5.14 6.03
CA SER A 3 -15.85 -4.88 6.08
C SER A 3 -14.87 -4.95 4.77
N ARG A 4 -15.45 -4.49 3.66
CA ARG A 4 -14.99 -5.11 2.40
C ARG A 4 -15.46 -4.45 1.17
N LEU A 5 -14.51 -3.77 0.57
CA LEU A 5 -14.84 -3.05 -0.67
C LEU A 5 -14.89 -3.94 -1.95
N LEU A 6 -15.64 -3.39 -2.89
CA LEU A 6 -15.91 -3.80 -4.30
C LEU A 6 -14.85 -3.39 -5.37
N LEU A 7 -14.03 -4.37 -5.74
CA LEU A 7 -13.16 -4.22 -6.93
C LEU A 7 -13.88 -4.27 -8.32
N ASN A 8 -13.37 -3.59 -9.34
CA ASN A 8 -13.83 -3.74 -10.69
C ASN A 8 -13.80 -5.11 -11.23
N ASN A 9 -13.02 -5.96 -10.59
CA ASN A 9 -12.97 -7.35 -11.09
C ASN A 9 -13.94 -8.34 -10.42
N GLY A 10 -14.94 -7.67 -9.82
CA GLY A 10 -15.94 -8.30 -8.96
C GLY A 10 -15.47 -8.74 -7.63
N ALA A 11 -14.16 -8.64 -7.43
CA ALA A 11 -13.71 -9.18 -6.14
C ALA A 11 -13.74 -8.27 -4.82
N LYS A 12 -13.54 -8.94 -3.73
CA LYS A 12 -13.84 -8.30 -2.53
C LYS A 12 -12.63 -8.20 -1.59
N MET A 13 -12.25 -6.91 -1.49
CA MET A 13 -11.03 -6.52 -0.73
C MET A 13 -11.30 -6.06 0.81
N PRO A 14 -10.71 -6.61 1.76
CA PRO A 14 -11.01 -6.19 3.14
C PRO A 14 -10.45 -4.78 3.42
N ILE A 15 -11.21 -4.08 4.24
CA ILE A 15 -10.87 -2.64 4.55
C ILE A 15 -9.57 -2.21 5.29
N LEU A 16 -9.06 -3.25 5.89
CA LEU A 16 -8.06 -3.26 6.92
C LEU A 16 -6.99 -4.31 6.67
N GLY A 17 -5.80 -3.82 6.40
CA GLY A 17 -4.76 -4.84 6.52
C GLY A 17 -3.41 -4.54 7.12
N LEU A 18 -2.82 -5.61 7.50
CA LEU A 18 -1.49 -5.51 8.03
C LEU A 18 -0.41 -5.22 6.94
N GLY A 19 0.00 -3.93 7.01
CA GLY A 19 1.33 -3.64 6.49
C GLY A 19 2.49 -4.38 7.09
N THR A 20 3.51 -4.50 6.21
CA THR A 20 4.80 -5.27 6.40
C THR A 20 6.15 -4.61 6.01
N TRP A 21 6.03 -3.36 5.57
CA TRP A 21 7.23 -2.42 5.51
C TRP A 21 7.76 -2.02 6.91
N LYS A 22 9.01 -2.38 7.10
CA LYS A 22 9.91 -2.28 8.24
C LYS A 22 10.18 -3.45 9.09
N SER A 23 9.47 -4.50 8.67
CA SER A 23 9.36 -5.65 9.57
C SER A 23 10.41 -6.75 9.44
N PRO A 24 11.35 -6.83 10.40
CA PRO A 24 12.48 -7.67 10.07
C PRO A 24 12.11 -9.12 9.84
N PRO A 25 12.84 -9.87 9.00
CA PRO A 25 12.61 -11.31 8.88
C PRO A 25 12.50 -12.15 10.13
N GLY A 26 13.22 -11.63 11.21
CA GLY A 26 13.08 -12.02 12.63
C GLY A 26 11.82 -11.74 13.37
N GLN A 27 11.08 -10.73 12.98
CA GLN A 27 9.71 -10.46 13.56
C GLN A 27 8.43 -10.77 12.76
N VAL A 28 8.62 -11.20 11.56
CA VAL A 28 7.42 -11.13 10.58
C VAL A 28 6.47 -12.35 10.44
N THR A 29 7.00 -13.53 10.64
CA THR A 29 6.11 -14.71 10.88
C THR A 29 5.17 -14.70 12.10
N GLU A 30 5.76 -14.37 13.34
CA GLU A 30 4.86 -14.07 14.48
C GLU A 30 3.81 -12.96 14.24
N ALA A 31 4.28 -11.99 13.43
CA ALA A 31 3.41 -10.79 13.33
C ALA A 31 2.19 -11.07 12.61
N VAL A 32 2.49 -11.73 11.45
CA VAL A 32 1.44 -12.31 10.52
C VAL A 32 0.60 -13.45 11.17
N LYS A 33 1.20 -14.46 11.74
CA LYS A 33 0.33 -15.46 12.45
C LYS A 33 -0.63 -14.99 13.59
N VAL A 34 -0.13 -14.08 14.44
CA VAL A 34 -1.07 -13.32 15.28
C VAL A 34 -2.01 -12.43 14.56
N ALA A 35 -1.66 -11.82 13.42
CA ALA A 35 -2.74 -11.06 12.72
C ALA A 35 -3.90 -11.95 12.17
N ILE A 36 -3.45 -13.07 11.60
CA ILE A 36 -4.39 -14.06 11.25
C ILE A 36 -5.25 -14.60 12.46
N ASP A 37 -4.58 -14.97 13.58
CA ASP A 37 -5.48 -15.40 14.70
C ASP A 37 -6.50 -14.33 15.17
N VAL A 38 -6.02 -13.09 15.13
CA VAL A 38 -6.89 -11.95 15.30
C VAL A 38 -7.93 -11.69 14.36
N GLY A 39 -7.67 -11.90 13.00
CA GLY A 39 -8.72 -11.48 12.09
C GLY A 39 -8.38 -10.73 10.89
N TYR A 40 -7.21 -10.16 10.76
CA TYR A 40 -6.82 -9.59 9.47
C TYR A 40 -6.62 -10.60 8.40
N ARG A 41 -7.42 -10.45 7.41
CA ARG A 41 -7.26 -11.32 6.23
C ARG A 41 -6.52 -10.77 5.01
N HIS A 42 -6.20 -9.44 5.07
CA HIS A 42 -5.50 -8.64 4.15
C HIS A 42 -4.10 -8.21 4.58
N ILE A 43 -3.14 -8.40 3.70
CA ILE A 43 -1.82 -7.98 4.03
C ILE A 43 -1.15 -7.29 2.94
N ASP A 44 -0.37 -6.28 3.22
CA ASP A 44 0.44 -5.70 2.16
C ASP A 44 1.93 -5.94 2.27
N CYS A 45 2.39 -6.79 1.33
CA CYS A 45 3.80 -7.11 1.01
C CYS A 45 4.48 -6.37 -0.12
N ALA A 46 5.75 -6.62 -0.27
CA ALA A 46 6.46 -6.21 -1.53
C ALA A 46 7.84 -6.90 -1.66
N HIS A 47 8.34 -6.96 -2.86
CA HIS A 47 9.64 -7.63 -3.00
C HIS A 47 10.90 -6.84 -2.41
N VAL A 48 10.72 -5.53 -2.46
CA VAL A 48 11.66 -4.68 -1.75
C VAL A 48 11.83 -4.79 -0.19
N TYR A 49 10.70 -5.10 0.45
CA TYR A 49 10.61 -5.16 1.88
C TYR A 49 11.63 -6.16 2.47
N GLN A 50 12.03 -7.05 1.46
CA GLN A 50 13.04 -8.10 1.69
C GLN A 50 12.65 -9.19 2.69
N ASN A 51 11.33 -9.16 3.04
CA ASN A 51 10.69 -10.07 3.99
C ASN A 51 9.55 -10.99 3.53
N GLU A 52 9.03 -10.80 2.34
CA GLU A 52 8.06 -11.66 1.71
C GLU A 52 8.08 -13.18 2.09
N ASN A 53 9.25 -13.76 1.90
CA ASN A 53 9.53 -15.18 2.27
C ASN A 53 9.22 -15.57 3.72
N GLU A 54 9.33 -14.56 4.52
CA GLU A 54 8.95 -14.85 5.82
C GLU A 54 7.52 -14.47 6.24
N VAL A 55 6.99 -13.50 5.57
CA VAL A 55 5.52 -13.36 5.57
C VAL A 55 4.70 -14.64 5.24
N GLY A 56 5.20 -15.17 4.10
CA GLY A 56 4.76 -16.48 3.52
C GLY A 56 4.66 -17.58 4.54
N VAL A 57 5.76 -18.01 5.10
CA VAL A 57 5.59 -19.19 5.95
C VAL A 57 4.54 -19.14 7.04
N ALA A 58 4.26 -17.91 7.44
CA ALA A 58 3.26 -17.68 8.47
C ALA A 58 1.85 -18.06 7.99
N ILE A 59 1.45 -17.38 6.90
CA ILE A 59 0.35 -17.74 5.95
C ILE A 59 0.31 -19.22 5.68
N GLN A 60 1.41 -19.71 5.17
CA GLN A 60 1.51 -21.17 5.07
C GLN A 60 1.19 -22.04 6.27
N GLU A 61 1.83 -21.80 7.40
CA GLU A 61 1.26 -22.48 8.58
C GLU A 61 -0.07 -22.05 9.17
N LYS A 62 -0.59 -20.93 8.80
CA LYS A 62 -1.94 -20.70 9.22
C LYS A 62 -3.10 -21.42 8.46
N LEU A 63 -2.89 -21.48 7.12
CA LEU A 63 -3.44 -22.41 6.19
C LEU A 63 -3.36 -23.84 6.72
N ARG A 64 -2.14 -24.35 6.63
CA ARG A 64 -2.06 -25.73 6.97
C ARG A 64 -2.31 -26.09 8.42
N GLU A 65 -1.83 -25.27 9.35
CA GLU A 65 -2.53 -25.45 10.69
C GLU A 65 -4.04 -25.53 10.79
N GLN A 66 -4.78 -24.75 10.03
CA GLN A 66 -6.27 -24.60 9.91
C GLN A 66 -7.10 -23.33 10.13
N VAL A 67 -6.47 -22.23 10.42
CA VAL A 67 -7.33 -21.11 10.85
C VAL A 67 -8.05 -20.40 9.71
N VAL A 68 -7.39 -20.49 8.59
CA VAL A 68 -7.89 -19.69 7.46
C VAL A 68 -7.87 -20.46 6.15
N LYS A 69 -8.78 -20.20 5.24
CA LYS A 69 -8.61 -20.68 3.89
C LYS A 69 -7.95 -19.73 2.81
N ARG A 70 -7.01 -20.32 1.97
CA ARG A 70 -6.60 -19.54 0.83
C ARG A 70 -7.55 -18.57 0.15
N GLU A 71 -8.74 -19.07 -0.20
CA GLU A 71 -9.88 -18.19 -0.64
C GLU A 71 -10.18 -16.81 0.01
N GLU A 72 -9.99 -16.83 1.38
CA GLU A 72 -10.36 -15.76 2.32
C GLU A 72 -9.32 -14.79 2.66
N LEU A 73 -8.14 -15.23 2.31
CA LEU A 73 -7.10 -14.26 2.17
C LEU A 73 -7.22 -13.21 1.14
N PHE A 74 -6.55 -12.11 1.45
CA PHE A 74 -6.16 -11.15 0.42
C PHE A 74 -4.70 -10.75 0.59
N ILE A 75 -3.87 -11.49 -0.14
CA ILE A 75 -2.54 -10.96 -0.37
C ILE A 75 -2.31 -9.96 -1.47
N VAL A 76 -1.74 -8.89 -1.08
CA VAL A 76 -1.20 -7.84 -2.04
C VAL A 76 0.39 -7.75 -2.03
N SER A 77 1.01 -7.58 -3.21
CA SER A 77 2.49 -7.31 -3.44
C SER A 77 2.82 -6.35 -4.63
N LYS A 78 4.07 -6.08 -4.87
CA LYS A 78 4.45 -5.10 -5.87
C LYS A 78 5.65 -5.54 -6.58
N LEU A 79 5.60 -5.07 -7.86
CA LEU A 79 6.75 -4.71 -8.84
C LEU A 79 7.79 -3.62 -8.47
N TRP A 80 8.97 -4.11 -8.10
CA TRP A 80 10.16 -3.25 -8.06
C TRP A 80 10.49 -2.58 -9.36
N CYS A 81 11.06 -1.35 -9.04
CA CYS A 81 11.50 -0.28 -9.99
C CYS A 81 12.45 -0.74 -11.14
N THR A 82 13.29 -1.73 -10.77
CA THR A 82 14.21 -2.68 -11.50
C THR A 82 13.69 -3.68 -12.53
N TYR A 83 12.36 -3.80 -12.57
CA TYR A 83 11.73 -4.67 -13.64
C TYR A 83 10.42 -4.14 -14.24
N HIS A 84 10.55 -2.80 -14.47
CA HIS A 84 9.59 -2.06 -15.36
C HIS A 84 9.72 -2.48 -16.85
N GLU A 85 10.86 -3.06 -17.13
CA GLU A 85 11.13 -3.83 -18.34
C GLU A 85 10.06 -4.84 -18.60
N LYS A 86 9.24 -4.61 -19.71
CA LYS A 86 8.18 -5.62 -19.81
C LYS A 86 8.60 -7.11 -19.84
N GLY A 87 9.79 -7.29 -20.50
CA GLY A 87 10.47 -8.62 -20.48
C GLY A 87 10.72 -9.24 -19.10
N LEU A 88 11.08 -8.34 -18.20
CA LEU A 88 11.30 -8.71 -16.78
C LEU A 88 10.10 -8.70 -15.73
N VAL A 89 8.94 -7.96 -16.12
CA VAL A 89 7.79 -7.96 -15.23
C VAL A 89 7.47 -9.38 -14.75
N LYS A 90 7.18 -10.20 -15.79
CA LYS A 90 7.22 -11.69 -15.62
C LYS A 90 8.00 -12.38 -14.43
N GLY A 91 9.33 -12.30 -14.45
CA GLY A 91 10.02 -13.00 -13.32
C GLY A 91 9.77 -12.45 -11.86
N ALA A 92 9.41 -11.17 -11.93
CA ALA A 92 9.20 -10.38 -10.73
C ALA A 92 8.01 -10.85 -9.85
N CYS A 93 7.00 -11.17 -10.59
CA CYS A 93 5.80 -11.84 -9.98
C CYS A 93 6.15 -13.31 -9.72
N GLN A 94 6.97 -13.91 -10.57
CA GLN A 94 7.35 -15.28 -10.15
C GLN A 94 8.11 -15.63 -8.85
N LYS A 95 9.24 -14.92 -8.60
CA LYS A 95 9.91 -15.23 -7.36
C LYS A 95 9.22 -14.63 -6.13
N THR A 96 8.27 -13.65 -6.34
CA THR A 96 7.46 -13.16 -5.20
C THR A 96 6.39 -14.17 -4.80
N LEU A 97 5.81 -14.84 -5.83
CA LEU A 97 4.84 -15.85 -5.58
C LEU A 97 5.42 -17.16 -4.97
N SER A 98 6.54 -17.49 -5.57
CA SER A 98 7.58 -18.28 -4.79
C SER A 98 8.01 -17.91 -3.36
N ASP A 99 7.99 -16.59 -3.11
CA ASP A 99 8.45 -16.09 -1.89
C ASP A 99 7.36 -16.32 -0.78
N LEU A 100 6.28 -15.81 -1.22
CA LEU A 100 4.98 -16.08 -0.65
C LEU A 100 4.47 -17.58 -0.50
N LYS A 101 4.95 -18.44 -1.36
CA LYS A 101 4.45 -19.84 -1.41
C LYS A 101 2.96 -20.06 -1.75
N LEU A 102 2.54 -19.08 -2.53
CA LEU A 102 1.31 -19.30 -3.19
C LEU A 102 1.37 -19.36 -4.72
N ASP A 103 0.14 -19.76 -5.25
CA ASP A 103 0.17 -19.92 -6.72
C ASP A 103 -0.40 -18.81 -7.54
N TYR A 104 -1.01 -17.90 -6.77
CA TYR A 104 -1.54 -16.62 -7.21
C TYR A 104 -1.54 -15.48 -6.25
N LEU A 105 -1.81 -14.30 -6.63
CA LEU A 105 -1.70 -13.21 -5.70
C LEU A 105 -2.98 -12.49 -5.88
N ASP A 106 -3.46 -11.72 -4.92
CA ASP A 106 -4.86 -11.21 -5.21
C ASP A 106 -5.05 -9.87 -5.96
N LEU A 107 -3.99 -9.10 -5.77
CA LEU A 107 -3.83 -7.73 -6.33
C LEU A 107 -2.41 -7.31 -6.53
N TYR A 108 -1.96 -7.16 -7.82
CA TYR A 108 -0.49 -6.80 -8.01
C TYR A 108 -0.25 -5.40 -8.50
N LEU A 109 0.74 -4.75 -7.82
CA LEU A 109 1.09 -3.30 -8.00
C LEU A 109 2.36 -2.87 -8.73
N ILE A 110 2.21 -1.81 -9.47
CA ILE A 110 3.49 -1.26 -9.88
C ILE A 110 4.03 -0.31 -8.83
N HIS A 111 5.20 -0.67 -8.29
CA HIS A 111 5.44 -0.17 -6.92
C HIS A 111 5.46 1.34 -6.88
N TRP A 112 6.16 1.83 -7.89
CA TRP A 112 6.28 3.27 -8.27
C TRP A 112 5.93 3.53 -9.73
N PRO A 113 5.54 4.78 -9.93
CA PRO A 113 5.55 5.25 -11.33
C PRO A 113 6.92 5.28 -12.02
N THR A 114 7.89 4.49 -11.52
CA THR A 114 9.27 4.88 -11.59
C THR A 114 10.21 3.70 -11.85
N GLY A 115 10.69 3.90 -13.04
CA GLY A 115 11.49 2.89 -13.76
C GLY A 115 12.94 3.02 -13.43
N PHE A 116 13.50 2.04 -12.74
CA PHE A 116 14.91 2.22 -12.83
C PHE A 116 15.79 1.13 -13.36
N LYS A 117 17.09 1.44 -13.62
CA LYS A 117 17.90 0.42 -14.32
C LYS A 117 18.21 -0.88 -13.56
N PRO A 118 17.78 -2.00 -14.19
CA PRO A 118 18.02 -3.42 -13.76
C PRO A 118 19.40 -3.94 -13.46
N GLY A 119 19.52 -4.28 -12.21
CA GLY A 119 20.56 -5.09 -11.70
C GLY A 119 20.26 -5.44 -10.20
N LYS A 120 21.25 -5.99 -9.54
CA LYS A 120 21.12 -6.45 -8.20
C LYS A 120 20.57 -5.37 -7.21
N GLU A 121 21.31 -4.25 -7.26
CA GLU A 121 20.89 -3.04 -6.47
C GLU A 121 19.46 -2.52 -6.73
N PHE A 122 18.58 -2.87 -5.78
CA PHE A 122 17.35 -2.12 -5.53
C PHE A 122 17.24 -0.55 -5.70
N PHE A 123 18.30 0.14 -5.93
CA PHE A 123 18.29 1.66 -6.12
C PHE A 123 19.64 2.05 -6.75
N PRO A 124 19.69 2.04 -8.08
CA PRO A 124 20.97 2.40 -8.74
C PRO A 124 21.12 3.89 -8.86
N LEU A 125 22.26 4.28 -8.30
CA LEU A 125 22.59 5.74 -8.21
C LEU A 125 23.63 6.36 -9.11
N ASP A 126 23.26 7.60 -9.32
CA ASP A 126 23.88 8.61 -10.30
C ASP A 126 25.30 8.56 -10.75
N GLU A 127 26.31 8.23 -9.80
CA GLU A 127 27.71 8.61 -9.85
C GLU A 127 28.06 9.90 -9.19
N SER A 128 27.11 10.88 -9.37
CA SER A 128 26.69 11.96 -8.35
C SER A 128 25.34 11.79 -7.54
N GLY A 129 24.49 12.85 -7.40
CA GLY A 129 23.18 12.63 -6.72
C GLY A 129 22.04 11.57 -7.01
N ASN A 130 21.39 11.69 -8.14
CA ASN A 130 20.13 10.93 -8.46
C ASN A 130 20.06 9.42 -8.91
N VAL A 131 18.91 8.69 -8.72
CA VAL A 131 18.71 7.49 -9.59
C VAL A 131 18.86 7.60 -11.15
N VAL A 132 19.67 6.60 -11.54
CA VAL A 132 19.79 6.07 -12.89
C VAL A 132 18.48 5.48 -13.34
N PRO A 133 17.87 6.26 -14.20
CA PRO A 133 16.55 5.81 -14.59
C PRO A 133 16.55 4.70 -15.68
N SER A 134 15.31 4.52 -16.13
CA SER A 134 15.09 3.49 -17.13
C SER A 134 14.18 4.05 -18.18
N ASP A 135 14.47 3.65 -19.48
CA ASP A 135 13.62 4.23 -20.58
C ASP A 135 12.17 3.68 -20.67
N THR A 136 12.00 2.59 -19.95
CA THR A 136 10.69 1.94 -19.75
C THR A 136 9.35 2.82 -19.70
N ASN A 137 8.18 2.21 -19.53
CA ASN A 137 7.07 3.06 -19.83
C ASN A 137 5.86 2.85 -19.03
N ILE A 138 5.28 3.96 -18.58
CA ILE A 138 4.00 3.79 -17.76
C ILE A 138 3.03 2.72 -18.31
N LEU A 139 2.32 3.18 -19.44
CA LEU A 139 1.31 2.30 -19.96
C LEU A 139 1.84 1.00 -20.69
N ASP A 140 3.13 1.07 -21.11
CA ASP A 140 3.77 -0.12 -21.65
C ASP A 140 4.37 -1.13 -20.69
N THR A 141 3.86 -1.07 -19.51
CA THR A 141 4.34 -1.85 -18.31
C THR A 141 3.14 -2.32 -17.48
N TRP A 142 2.18 -1.42 -17.60
CA TRP A 142 0.83 -1.82 -17.48
C TRP A 142 0.35 -3.03 -18.31
N ALA A 143 0.98 -3.22 -19.49
CA ALA A 143 0.57 -4.21 -20.38
C ALA A 143 1.12 -5.56 -20.07
N ALA A 144 2.41 -5.46 -19.66
CA ALA A 144 3.10 -6.70 -19.16
C ALA A 144 2.56 -7.50 -17.98
N MET A 145 1.73 -6.74 -17.28
CA MET A 145 0.84 -7.27 -16.23
C MET A 145 -0.70 -7.35 -16.47
N GLU A 146 -1.15 -6.87 -17.67
CA GLU A 146 -2.42 -7.33 -18.17
C GLU A 146 -2.24 -8.71 -18.51
N GLU A 147 -1.03 -8.92 -18.98
CA GLU A 147 -0.58 -10.26 -19.42
C GLU A 147 -0.56 -11.35 -18.34
N LEU A 148 -0.10 -10.95 -17.21
CA LEU A 148 -0.22 -11.64 -15.88
C LEU A 148 -1.62 -12.03 -15.34
N VAL A 149 -2.56 -11.27 -15.77
CA VAL A 149 -3.90 -11.62 -15.41
C VAL A 149 -4.45 -12.77 -16.34
N ASP A 150 -4.37 -12.43 -17.68
CA ASP A 150 -4.52 -13.45 -18.74
C ASP A 150 -3.86 -14.82 -18.42
N GLU A 151 -2.60 -14.77 -17.99
CA GLU A 151 -1.92 -16.00 -17.55
C GLU A 151 -2.22 -16.61 -16.19
N GLY A 152 -3.16 -15.97 -15.57
CA GLY A 152 -3.56 -16.72 -14.39
C GLY A 152 -3.03 -16.33 -12.88
N LEU A 153 -1.77 -16.02 -12.93
CA LEU A 153 -0.89 -15.45 -11.86
C LEU A 153 -1.47 -14.44 -10.88
N VAL A 154 -2.30 -13.56 -11.42
CA VAL A 154 -2.75 -12.54 -10.50
C VAL A 154 -4.19 -12.17 -10.75
N LYS A 155 -5.04 -12.22 -9.72
CA LYS A 155 -6.47 -12.02 -10.00
C LYS A 155 -6.95 -10.64 -10.34
N ALA A 156 -5.98 -9.73 -10.24
CA ALA A 156 -6.31 -8.26 -10.38
C ALA A 156 -5.13 -7.34 -10.20
N ILE A 157 -5.30 -6.09 -10.58
CA ILE A 157 -4.11 -5.34 -10.84
C ILE A 157 -4.26 -3.83 -10.72
N GLY A 158 -3.13 -3.22 -10.28
CA GLY A 158 -3.22 -1.75 -10.15
C GLY A 158 -1.93 -0.99 -9.89
N ILE A 159 -2.11 0.23 -9.28
CA ILE A 159 -0.96 1.16 -9.23
C ILE A 159 -0.47 1.73 -7.92
N SER A 160 0.87 1.62 -7.56
CA SER A 160 1.13 2.54 -6.41
C SER A 160 1.67 3.95 -6.59
N ASN A 161 0.82 4.91 -6.20
CA ASN A 161 1.26 6.28 -5.79
C ASN A 161 2.24 7.03 -6.66
N PHE A 162 1.82 7.75 -7.75
CA PHE A 162 0.74 7.72 -8.78
C PHE A 162 -0.43 8.73 -8.92
N ASN A 163 -0.16 9.78 -9.65
CA ASN A 163 -1.00 11.00 -9.69
C ASN A 163 -1.98 11.19 -10.86
N HIS A 164 -2.79 12.23 -10.82
CA HIS A 164 -3.91 12.26 -11.70
C HIS A 164 -3.62 12.02 -13.21
N LEU A 165 -2.82 12.93 -13.81
CA LEU A 165 -1.86 12.55 -14.87
C LEU A 165 -1.55 11.08 -15.07
N GLN A 166 -0.89 10.49 -14.13
CA GLN A 166 -0.38 9.18 -14.47
C GLN A 166 -1.37 8.05 -14.53
N VAL A 167 -2.35 8.20 -13.61
CA VAL A 167 -3.63 7.45 -13.69
C VAL A 167 -4.38 7.58 -15.01
N GLU A 168 -4.66 8.84 -15.37
CA GLU A 168 -5.47 9.28 -16.50
C GLU A 168 -4.90 8.92 -17.90
N MET A 169 -3.57 8.67 -17.92
CA MET A 169 -2.85 8.02 -18.98
C MET A 169 -3.22 6.56 -19.20
N ILE A 170 -3.08 5.77 -18.16
CA ILE A 170 -3.43 4.35 -18.20
C ILE A 170 -4.87 4.05 -18.65
N LEU A 171 -5.81 4.92 -18.25
CA LEU A 171 -7.15 4.59 -18.88
C LEU A 171 -7.54 5.13 -20.29
N ASN A 172 -6.63 5.99 -20.70
CA ASN A 172 -6.66 6.48 -22.07
C ASN A 172 -5.78 5.62 -23.05
N LYS A 173 -5.07 4.64 -22.51
CA LYS A 173 -4.21 3.75 -23.28
C LYS A 173 -5.01 2.97 -24.32
N PRO A 174 -4.53 3.00 -25.58
CA PRO A 174 -5.24 2.16 -26.53
C PRO A 174 -5.06 0.65 -26.30
N GLY A 175 -6.02 -0.04 -26.73
CA GLY A 175 -5.86 -1.47 -26.47
C GLY A 175 -6.10 -1.86 -25.03
N LEU A 176 -6.75 -0.90 -24.36
CA LEU A 176 -6.82 -1.18 -22.87
C LEU A 176 -7.65 -2.40 -22.35
N LYS A 177 -6.92 -3.47 -22.14
CA LYS A 177 -7.61 -4.66 -21.67
C LYS A 177 -8.21 -4.69 -20.23
N TYR A 178 -7.52 -4.03 -19.38
CA TYR A 178 -7.83 -4.10 -17.87
C TYR A 178 -7.95 -2.77 -17.10
N LYS A 179 -8.85 -2.73 -16.22
CA LYS A 179 -8.78 -1.47 -15.43
C LYS A 179 -7.98 -1.47 -14.02
N PRO A 180 -7.18 -0.39 -13.71
CA PRO A 180 -6.62 -0.51 -12.39
C PRO A 180 -7.74 -0.52 -11.39
N ALA A 181 -7.52 -1.55 -10.51
CA ALA A 181 -8.40 -1.87 -9.40
C ALA A 181 -8.32 -0.83 -8.32
N VAL A 182 -7.06 -0.66 -7.98
CA VAL A 182 -6.66 0.14 -6.84
C VAL A 182 -5.46 1.05 -7.17
N ASN A 183 -5.54 2.23 -6.47
CA ASN A 183 -4.47 3.21 -6.39
C ASN A 183 -3.89 3.29 -4.93
N GLN A 184 -2.83 2.51 -4.70
CA GLN A 184 -2.22 2.68 -3.44
C GLN A 184 -1.50 3.97 -3.26
N ILE A 185 -2.14 4.98 -2.59
CA ILE A 185 -1.36 6.19 -2.14
C ILE A 185 -1.04 6.43 -0.59
N GLU A 186 -0.07 7.28 -0.29
CA GLU A 186 -0.20 7.66 1.12
C GLU A 186 -1.19 8.72 1.49
N CYS A 187 -1.87 8.37 2.53
CA CYS A 187 -2.62 9.44 3.25
C CYS A 187 -2.79 9.25 4.79
N HIS A 188 -3.18 10.37 5.38
CA HIS A 188 -3.07 10.60 6.88
C HIS A 188 -3.48 12.09 7.22
N PRO A 189 -3.68 12.52 8.44
CA PRO A 189 -4.03 13.96 8.62
C PRO A 189 -3.07 15.04 8.16
N TYR A 190 -1.73 14.70 8.03
CA TYR A 190 -1.12 15.83 7.22
C TYR A 190 -0.73 15.80 5.79
N LEU A 191 -1.19 14.79 4.95
CA LEU A 191 -1.94 15.09 3.68
C LEU A 191 -3.20 14.38 3.42
N THR A 192 -4.31 15.18 3.38
CA THR A 192 -5.59 14.48 3.31
C THR A 192 -5.96 14.02 1.95
N GLN A 193 -5.38 14.77 1.02
CA GLN A 193 -5.62 14.81 -0.37
C GLN A 193 -7.05 14.72 -0.86
N GLU A 194 -7.77 15.77 -0.35
CA GLU A 194 -9.19 15.90 -0.76
C GLU A 194 -9.52 15.70 -2.28
N LYS A 195 -8.61 16.33 -3.06
CA LYS A 195 -9.00 16.39 -4.43
C LYS A 195 -8.73 15.10 -5.33
N LEU A 196 -7.62 14.41 -4.96
CA LEU A 196 -7.65 13.04 -5.54
C LEU A 196 -8.36 11.93 -4.76
N ILE A 197 -9.00 12.33 -3.63
CA ILE A 197 -10.30 11.72 -3.32
C ILE A 197 -11.30 11.60 -4.53
N GLN A 198 -11.72 12.74 -5.07
CA GLN A 198 -12.62 12.65 -6.24
C GLN A 198 -12.08 12.65 -7.67
N TYR A 199 -10.90 12.08 -7.76
CA TYR A 199 -10.50 11.59 -9.06
C TYR A 199 -10.15 10.06 -9.09
N CYS A 200 -10.33 9.40 -8.01
CA CYS A 200 -9.55 8.15 -8.04
C CYS A 200 -10.33 6.81 -7.92
N GLN A 201 -11.66 6.82 -8.22
CA GLN A 201 -12.73 7.23 -7.25
C GLN A 201 -13.37 8.55 -7.63
N SER A 202 -14.32 8.44 -8.62
CA SER A 202 -14.98 9.65 -9.16
C SER A 202 -15.85 9.48 -10.36
N LYS A 203 -15.80 8.31 -10.95
CA LYS A 203 -14.74 7.86 -11.95
C LYS A 203 -13.55 7.04 -11.44
N GLY A 204 -13.46 5.71 -11.68
CA GLY A 204 -13.87 4.88 -10.53
C GLY A 204 -13.12 3.72 -9.90
N ILE A 205 -11.84 3.96 -9.51
CA ILE A 205 -10.98 3.00 -8.78
C ILE A 205 -10.93 3.08 -7.21
N VAL A 206 -10.39 2.03 -6.56
CA VAL A 206 -10.31 1.93 -5.09
C VAL A 206 -9.02 2.48 -4.46
N VAL A 207 -9.20 3.29 -3.38
CA VAL A 207 -7.97 3.84 -2.64
C VAL A 207 -7.57 3.18 -1.36
N THR A 208 -6.33 2.64 -1.39
CA THR A 208 -5.56 2.23 -0.17
C THR A 208 -4.48 3.24 0.42
N ALA A 209 -4.86 3.82 1.62
CA ALA A 209 -4.03 4.69 2.40
C ALA A 209 -2.84 4.07 3.04
N TYR A 210 -1.67 4.15 2.40
CA TYR A 210 -0.48 3.80 3.19
C TYR A 210 0.04 4.88 4.14
N SER A 211 0.89 4.41 5.03
CA SER A 211 1.38 5.08 6.27
C SER A 211 0.41 5.76 7.23
N PRO A 212 -0.71 5.03 7.63
CA PRO A 212 -1.84 5.75 8.28
C PRO A 212 -1.43 6.36 9.62
N LEU A 213 -0.31 5.84 10.14
CA LEU A 213 0.11 6.37 11.50
C LEU A 213 1.14 7.46 11.40
N GLY A 214 1.27 8.02 10.25
CA GLY A 214 2.44 8.77 9.84
C GLY A 214 3.80 8.14 9.68
N SER A 215 3.88 6.78 9.86
CA SER A 215 5.21 6.11 9.76
C SER A 215 6.42 6.68 10.51
N PRO A 216 6.48 6.42 11.81
CA PRO A 216 7.69 7.00 12.58
C PRO A 216 8.91 6.07 12.67
N ASP A 217 8.81 4.86 12.05
CA ASP A 217 10.07 4.21 11.73
C ASP A 217 10.67 4.29 10.31
N ARG A 218 10.21 5.33 9.55
CA ARG A 218 10.83 5.65 8.29
C ARG A 218 12.34 6.05 8.23
N PRO A 219 13.26 5.10 7.84
CA PRO A 219 14.72 5.33 7.67
C PRO A 219 15.36 6.75 7.65
N TRP A 220 14.61 7.69 7.07
CA TRP A 220 14.84 9.10 7.22
C TRP A 220 14.13 9.72 8.41
N ALA A 221 14.45 9.12 9.51
CA ALA A 221 13.73 9.36 10.70
C ALA A 221 14.32 10.46 11.47
N LYS A 222 14.04 11.70 10.98
CA LYS A 222 14.44 12.69 12.11
C LYS A 222 13.40 13.48 12.92
N PRO A 223 12.53 14.18 12.16
CA PRO A 223 12.59 15.66 12.22
C PRO A 223 13.17 16.49 13.47
N GLU A 224 12.70 16.17 14.69
CA GLU A 224 12.28 17.37 15.39
C GLU A 224 11.18 18.21 14.78
N ASP A 225 9.98 17.81 15.36
CA ASP A 225 8.58 17.97 14.92
C ASP A 225 7.86 16.68 14.17
N PRO A 226 7.07 16.83 13.13
CA PRO A 226 5.66 16.27 13.15
C PRO A 226 5.33 14.83 13.51
N SER A 227 4.23 14.80 14.18
CA SER A 227 4.13 13.56 15.04
C SER A 227 2.76 13.17 15.39
N LEU A 228 2.13 12.61 14.33
CA LEU A 228 0.76 12.14 14.39
C LEU A 228 0.50 11.26 15.52
N LEU A 229 1.45 10.34 15.79
CA LEU A 229 1.12 9.58 17.04
C LEU A 229 1.00 10.44 18.30
N GLU A 230 1.92 11.44 18.32
CA GLU A 230 1.96 12.22 19.52
C GLU A 230 1.35 13.64 19.41
N ASP A 231 0.28 13.72 18.68
CA ASP A 231 -0.23 15.08 18.54
C ASP A 231 -1.42 15.47 19.42
N PRO A 232 -1.25 16.65 20.13
CA PRO A 232 -2.18 17.08 21.17
C PRO A 232 -3.69 17.00 20.80
N ARG A 233 -3.89 17.50 19.60
CA ARG A 233 -5.25 17.65 19.21
C ARG A 233 -5.89 16.37 18.72
N ILE A 234 -5.04 15.36 18.39
CA ILE A 234 -5.53 13.97 17.98
C ILE A 234 -5.87 12.98 19.10
N LYS A 235 -4.85 12.90 20.03
CA LYS A 235 -4.99 12.51 21.46
C LYS A 235 -6.30 12.76 22.22
N ALA A 236 -6.83 13.91 21.97
CA ALA A 236 -8.17 14.23 22.45
C ALA A 236 -9.36 13.63 21.68
N ILE A 237 -9.42 13.78 20.29
CA ILE A 237 -10.30 12.83 19.63
C ILE A 237 -10.49 11.37 20.28
N ALA A 238 -9.33 10.66 20.59
CA ALA A 238 -9.07 9.30 21.11
C ALA A 238 -9.46 8.96 22.58
N ALA A 239 -9.16 10.11 23.34
CA ALA A 239 -9.73 10.25 24.69
C ALA A 239 -11.28 10.31 24.69
N LYS A 240 -11.88 11.08 23.82
CA LYS A 240 -13.31 11.10 23.79
C LYS A 240 -14.12 9.78 23.54
N HIS A 241 -13.40 8.90 22.83
CA HIS A 241 -14.03 7.68 22.41
C HIS A 241 -13.48 6.50 23.22
N ASN A 242 -12.95 6.83 24.38
CA ASN A 242 -12.13 5.77 25.04
C ASN A 242 -11.30 4.71 24.19
N LYS A 243 -10.86 5.25 23.04
CA LYS A 243 -10.00 4.48 22.11
C LYS A 243 -8.58 5.05 22.09
N THR A 244 -7.69 4.25 21.42
CA THR A 244 -6.42 4.96 21.13
C THR A 244 -6.28 5.78 19.86
N THR A 245 -5.14 6.60 19.86
CA THR A 245 -4.80 7.46 18.66
C THR A 245 -4.49 6.73 17.36
N ALA A 246 -3.65 5.74 17.40
CA ALA A 246 -3.62 4.71 16.27
C ALA A 246 -4.98 4.22 15.78
N GLN A 247 -5.78 3.77 16.80
CA GLN A 247 -7.20 3.62 16.38
C GLN A 247 -7.88 4.79 15.74
N VAL A 248 -7.54 5.95 16.12
CA VAL A 248 -8.40 7.00 15.54
C VAL A 248 -8.01 7.31 14.18
N LEU A 249 -6.72 7.10 14.01
CA LEU A 249 -5.91 7.24 12.82
C LEU A 249 -6.20 6.30 11.58
N ILE A 250 -6.31 5.00 11.98
CA ILE A 250 -6.80 3.83 11.28
C ILE A 250 -8.27 3.86 10.88
N ARG A 251 -9.21 3.99 11.89
CA ARG A 251 -10.60 4.42 11.53
C ARG A 251 -10.74 5.53 10.51
N PHE A 252 -10.03 6.65 10.70
CA PHE A 252 -10.02 7.76 9.75
C PHE A 252 -9.99 7.53 8.14
N PRO A 253 -9.00 6.86 7.54
CA PRO A 253 -9.19 6.47 6.13
C PRO A 253 -10.45 5.58 5.87
N MET A 254 -10.65 4.55 6.70
CA MET A 254 -11.80 3.72 6.44
C MET A 254 -13.15 4.43 6.19
N GLN A 255 -13.22 5.55 6.87
CA GLN A 255 -14.47 6.26 6.94
C GLN A 255 -14.66 7.25 5.88
N ARG A 256 -13.60 7.40 5.09
CA ARG A 256 -13.67 8.26 3.92
C ARG A 256 -13.86 7.42 2.59
N ASN A 257 -14.22 6.14 2.78
CA ASN A 257 -14.30 5.13 1.70
C ASN A 257 -13.01 4.47 1.29
N LEU A 258 -12.20 4.34 2.30
CA LEU A 258 -10.84 3.90 2.04
C LEU A 258 -10.49 2.59 2.65
N VAL A 259 -9.31 2.17 2.22
CA VAL A 259 -8.56 1.03 2.72
C VAL A 259 -7.23 1.34 3.36
N VAL A 260 -7.02 0.75 4.51
CA VAL A 260 -5.92 1.16 5.37
C VAL A 260 -4.85 0.09 5.55
N ILE A 261 -3.65 0.41 5.06
CA ILE A 261 -2.69 -0.62 5.64
C ILE A 261 -1.68 -0.35 6.86
N PRO A 262 -2.13 -0.32 8.12
CA PRO A 262 -1.28 -0.29 9.24
C PRO A 262 -0.17 -1.33 9.37
N LYS A 263 1.03 -0.79 9.60
CA LYS A 263 2.04 -1.73 10.00
C LYS A 263 2.27 -1.75 11.54
N SER A 264 2.43 -3.01 12.10
CA SER A 264 3.23 -3.13 13.23
C SER A 264 3.86 -4.54 13.25
N VAL A 265 5.00 -4.78 13.90
CA VAL A 265 5.41 -6.18 14.27
C VAL A 265 5.11 -6.69 15.61
N THR A 266 4.30 -5.89 16.26
CA THR A 266 4.32 -5.99 17.72
C THR A 266 3.02 -6.41 18.17
N PRO A 267 2.94 -7.74 18.59
CA PRO A 267 1.67 -8.50 18.73
C PRO A 267 0.55 -7.79 19.46
N GLU A 268 0.86 -7.27 20.68
CA GLU A 268 0.10 -6.14 21.31
C GLU A 268 -0.75 -5.27 20.35
N ARG A 269 0.02 -4.55 19.46
CA ARG A 269 -0.64 -3.58 18.70
C ARG A 269 -1.18 -4.03 17.29
N ILE A 270 -0.66 -5.18 16.85
CA ILE A 270 -1.54 -5.85 15.86
C ILE A 270 -3.00 -6.11 16.32
N ALA A 271 -3.07 -6.94 17.44
CA ALA A 271 -4.36 -7.24 18.04
C ALA A 271 -5.25 -6.03 18.41
N GLU A 272 -4.63 -5.04 19.10
CA GLU A 272 -5.12 -3.62 19.20
C GLU A 272 -5.56 -2.75 18.01
N ASN A 273 -4.67 -2.65 16.95
CA ASN A 273 -4.98 -1.99 15.67
C ASN A 273 -6.21 -2.56 14.89
N PHE A 274 -6.45 -3.87 15.07
CA PHE A 274 -7.71 -4.43 14.48
C PHE A 274 -9.03 -4.15 15.20
N LYS A 275 -8.86 -3.58 16.47
CA LYS A 275 -10.02 -3.26 17.32
C LYS A 275 -10.89 -1.96 16.95
N VAL A 276 -11.19 -1.86 15.63
CA VAL A 276 -11.72 -0.55 15.21
C VAL A 276 -13.13 -0.48 14.59
N PHE A 277 -13.93 -1.49 14.90
CA PHE A 277 -15.27 -1.50 14.24
C PHE A 277 -16.45 -1.05 15.13
N ASP A 278 -16.10 -1.12 16.43
CA ASP A 278 -16.86 -0.67 17.59
C ASP A 278 -17.27 0.82 17.67
N PHE A 279 -16.43 1.73 17.14
CA PHE A 279 -16.82 3.19 17.17
C PHE A 279 -16.97 3.77 15.71
N GLU A 280 -17.84 4.80 15.62
CA GLU A 280 -18.01 5.73 14.49
C GLU A 280 -17.47 7.12 14.81
N LEU A 281 -16.50 7.64 14.03
CA LEU A 281 -16.23 9.04 14.27
C LEU A 281 -17.34 10.02 13.80
N SER A 282 -17.59 11.00 14.72
CA SER A 282 -18.56 12.01 14.28
C SER A 282 -18.14 12.86 13.14
N SER A 283 -19.16 13.35 12.55
CA SER A 283 -19.07 14.53 11.61
C SER A 283 -18.04 15.66 11.99
N GLN A 284 -17.77 15.80 13.33
CA GLN A 284 -16.82 16.80 13.74
C GLN A 284 -15.39 16.40 13.75
N ASP A 285 -15.18 15.16 14.15
CA ASP A 285 -13.78 14.61 14.06
C ASP A 285 -13.39 14.52 12.62
N MET A 286 -14.47 14.30 11.83
CA MET A 286 -14.19 14.14 10.42
C MET A 286 -13.84 15.44 9.82
N THR A 287 -14.67 16.49 10.16
CA THR A 287 -14.22 17.86 9.80
C THR A 287 -12.82 18.22 10.31
N THR A 288 -12.53 17.74 11.44
CA THR A 288 -11.30 18.30 12.10
C THR A 288 -10.06 17.67 11.64
N LEU A 289 -10.16 16.35 11.55
CA LEU A 289 -8.95 15.63 11.15
C LEU A 289 -8.57 15.85 9.67
N LEU A 290 -9.55 16.46 8.98
CA LEU A 290 -9.32 16.91 7.61
C LEU A 290 -8.76 18.30 7.50
N SER A 291 -9.00 19.13 8.66
CA SER A 291 -8.50 20.52 8.77
C SER A 291 -6.98 20.59 9.12
N TYR A 292 -6.55 19.46 9.62
CA TYR A 292 -5.14 19.14 9.78
C TYR A 292 -4.14 18.98 8.54
N ASN A 293 -4.72 19.02 7.37
CA ASN A 293 -3.91 18.91 6.18
C ASN A 293 -2.85 19.94 6.01
N ARG A 294 -1.66 19.60 6.42
CA ARG A 294 -0.44 20.36 5.98
C ARG A 294 0.20 20.10 4.55
N ASN A 295 -0.44 19.30 3.63
CA ASN A 295 0.37 18.96 2.42
C ASN A 295 1.72 18.20 2.58
N TRP A 296 1.81 17.56 3.67
CA TRP A 296 3.17 17.10 4.15
C TRP A 296 3.61 15.59 3.90
N ARG A 297 4.31 15.42 2.80
CA ARG A 297 4.79 14.10 2.47
C ARG A 297 5.70 13.46 3.36
N VAL A 298 5.57 12.09 3.49
CA VAL A 298 6.51 11.26 4.32
C VAL A 298 7.38 10.22 3.63
N CYS A 299 6.90 9.91 2.33
CA CYS A 299 7.69 8.94 1.55
C CYS A 299 8.57 9.43 0.42
N ALA A 300 8.11 10.46 -0.25
CA ALA A 300 9.03 11.55 -0.63
C ALA A 300 10.47 11.48 -1.22
N LEU A 301 11.43 10.57 -0.92
CA LEU A 301 12.66 10.33 -1.78
C LEU A 301 13.20 11.27 -2.87
N LEU A 302 14.48 11.67 -2.61
CA LEU A 302 14.73 12.89 -3.40
C LEU A 302 15.92 12.94 -4.41
N SER A 303 16.78 11.95 -4.21
CA SER A 303 17.54 11.54 -5.39
C SER A 303 16.82 10.91 -6.62
N CYS A 304 15.48 10.87 -6.59
CA CYS A 304 14.78 10.55 -7.80
C CYS A 304 14.02 11.72 -8.43
N THR A 305 14.23 12.90 -7.82
CA THR A 305 13.37 14.03 -8.22
C THR A 305 13.43 14.63 -9.58
N SER A 306 14.50 14.32 -10.35
CA SER A 306 14.54 14.86 -11.75
C SER A 306 13.87 13.92 -12.82
N HIS A 307 13.68 12.68 -12.31
CA HIS A 307 12.98 11.65 -13.12
C HIS A 307 11.66 11.94 -13.67
N LYS A 308 11.58 11.66 -15.00
CA LYS A 308 10.34 12.07 -15.66
C LYS A 308 9.03 11.65 -14.99
N ASP A 309 9.01 10.37 -14.62
CA ASP A 309 7.83 9.92 -13.89
C ASP A 309 7.96 9.95 -12.40
N TYR A 310 7.77 11.21 -11.98
CA TYR A 310 7.92 11.45 -10.61
C TYR A 310 6.57 11.74 -10.09
N PRO A 311 6.08 11.04 -9.14
CA PRO A 311 4.63 11.28 -8.89
C PRO A 311 4.32 12.69 -8.47
N PHE A 312 5.24 13.17 -7.67
CA PHE A 312 5.00 14.35 -6.82
C PHE A 312 5.51 15.70 -7.44
N HIS A 313 4.94 15.91 -8.64
CA HIS A 313 5.31 17.17 -9.26
C HIS A 313 4.10 18.07 -9.68
N GLU A 314 3.00 17.39 -9.93
CA GLU A 314 1.71 18.10 -9.79
C GLU A 314 1.21 18.17 -8.31
N GLU A 315 -0.07 18.63 -8.18
CA GLU A 315 -0.79 18.78 -6.88
C GLU A 315 -1.71 17.63 -6.53
N PHE A 316 -2.65 17.25 -7.41
CA PHE A 316 -3.11 15.89 -7.13
C PHE A 316 -2.30 14.77 -7.76
PA NAP B . 2.93 3.03 9.53
O1A NAP B . 2.05 4.24 9.44
O2A NAP B . 2.13 1.80 9.45
O5B NAP B . 3.76 3.19 10.81
C5B NAP B . 4.57 2.09 11.25
C4B NAP B . 5.00 2.24 12.77
O4B NAP B . 3.91 2.57 13.65
C3B NAP B . 5.66 0.98 13.34
O3B NAP B . 7.06 1.16 13.38
C2B NAP B . 4.80 0.72 14.58
O2B NAP B . 5.52 0.30 15.61
C1B NAP B . 4.09 1.95 14.92
N9A NAP B . 2.74 1.62 15.43
C8A NAP B . 1.80 0.94 14.79
N7A NAP B . 0.67 0.77 15.45
C5A NAP B . 0.85 1.40 16.62
C6A NAP B . 0.14 1.63 17.78
N6A NAP B . -1.08 1.19 18.02
N1A NAP B . 0.63 2.37 18.85
C2A NAP B . 1.84 2.86 18.74
N3A NAP B . 2.64 2.68 17.67
C4A NAP B . 2.15 1.93 16.63
O3 NAP B . 4.01 3.13 8.54
PN NAP B . 4.22 2.35 7.27
O1N NAP B . 5.09 1.16 7.31
O2N NAP B . 4.78 3.33 6.26
O5D NAP B . 3.00 2.18 6.41
C5D NAP B . 2.01 1.07 6.45
C4D NAP B . 2.19 -0.02 5.25
O4D NAP B . 1.82 0.50 4.04
C3D NAP B . 3.66 -0.38 5.11
O3D NAP B . 4.07 -1.50 6.06
C2D NAP B . 3.77 -0.80 3.69
O2D NAP B . 3.61 -2.23 3.32
C1D NAP B . 2.71 0.07 3.05
N1N NAP B . 3.29 1.21 2.39
C2N NAP B . 3.36 1.23 0.92
C3N NAP B . 4.23 2.05 0.30
C7N NAP B . 4.36 2.17 -1.14
O7N NAP B . 5.22 2.92 -1.54
N7N NAP B . 3.63 1.52 -2.03
C4N NAP B . 5.18 3.00 1.08
C5N NAP B . 4.92 3.06 2.54
C6N NAP B . 4.02 2.27 3.18
P2B NAP B . 6.16 -1.04 15.45
O1X NAP B . 7.66 -0.62 15.65
O2X NAP B . 5.58 -1.89 16.56
O3X NAP B . 5.90 -1.58 14.11
C1 ZES C . 13.60 0.80 0.91
C2 ZES C . 13.46 2.16 0.67
C3 ZES C . 12.16 2.68 0.54
C4 ZES C . 11.01 1.95 0.75
C5 ZES C . 11.16 0.56 0.97
C6 ZES C . 12.44 0.01 1.03
C10 ZES C . 11.96 4.00 -0.01
N11 ZES C . 10.75 4.54 -0.14
C12 ZES C . 9.66 3.90 0.27
N13 ZES C . 9.80 2.56 0.70
C14 ZES C . 10.63 5.86 -0.63
C15 ZES C . 10.82 5.94 -2.18
C18 ZES C . 10.27 7.05 -2.83
C19 ZES C . 10.22 7.15 -4.13
C20 ZES C . 10.86 6.23 -4.87
C21 ZES C . 11.51 5.17 -4.32
C22 ZES C . 11.49 5.00 -2.95
CL6 ZES C . 12.60 -1.63 1.26
C27 ZES C . 8.61 1.80 0.80
C28 ZES C . 8.00 1.57 -0.71
O31 ZES C . 8.55 1.77 -1.75
O32 ZES C . 6.71 1.08 -0.60
O33 ZES C . 8.59 4.47 0.21
O34 ZES C . 12.94 4.60 -0.39
F35 ZES C . 9.80 8.10 -2.05
BR3 ZES C . 10.74 6.46 -6.74
#